data_6SYR
#
_entry.id   6SYR
#
_cell.length_a   43.215
_cell.length_b   44.189
_cell.length_c   50.172
_cell.angle_alpha   75.776
_cell.angle_beta   65.425
_cell.angle_gamma   70.847
#
_symmetry.space_group_name_H-M   'P 1'
#
loop_
_entity.id
_entity.type
_entity.pdbx_description
1 polymer 'glucuronoyl esterase OtCE15A'
2 non-polymer 'alpha-D-glucopyranuronic acid'
3 non-polymer 'MAGNESIUM ION'
4 non-polymer 1,2-ETHANEDIOL
5 non-polymer 'SODIUM ION'
6 water water
#
_entity_poly.entity_id   1
_entity_poly.type   'polypeptide(L)'
_entity_poly.pdbx_seq_one_letter_code
;MRNVLAALSLLFTLTSMQATSRPARLDDTPPPAYTLPDPLVGADGTRVHDRATWQHRRRPELLQLFAREVYGRTPLGRPE
GMVFKVTTMEHAALGGAATRKEVTVRFGRDPNAPSMQLLLYVPNAVIARAERAPVFLGLNFYGNHTVHTDPAIALSARWI
PAEAPNGANHRATEAARGSDAQKWPVEQILARGYAVATVYCGDLCPDRPDGLNASVASWLDAAAGDQRAPDAWGAIGVWA
WGLSRALDYLETDPLVDASRVAVHGHSRLGKAALWAGAQDDRFALVISNESGCGGAALSKRIHGETVARINTVFPHWFAR
NFRRYDDHEEALPVDQHELLALVAPRPLYVASAEDDDWADPRGEFLAVKAAEPVFRLFGQTGPSGEDVPRVNEPSGGALR
YHIRPGPHGMTAQDWAFYLAFADEWLKSALPAREPQR
;
_entity_poly.pdbx_strand_id   A
#
# COMPACT_ATOMS: atom_id res chain seq x y z
N THR A 35 24.97 9.37 5.24
CA THR A 35 24.92 9.69 3.82
C THR A 35 24.29 8.55 3.03
N LEU A 36 23.33 8.93 2.15
CA LEU A 36 22.47 7.97 1.50
C LEU A 36 23.07 7.50 0.18
N PRO A 37 22.81 6.26 -0.20
CA PRO A 37 23.16 5.80 -1.53
C PRO A 37 22.40 6.61 -2.57
N ASP A 38 23.04 6.82 -3.71
CA ASP A 38 22.45 7.63 -4.78
C ASP A 38 21.59 6.74 -5.66
N PRO A 39 20.27 6.99 -5.77
CA PRO A 39 19.45 6.15 -6.64
C PRO A 39 19.92 6.16 -8.08
N LEU A 40 20.57 7.24 -8.52
CA LEU A 40 20.99 7.37 -9.91
C LEU A 40 22.45 6.94 -10.13
N VAL A 41 23.04 6.25 -9.17
CA VAL A 41 24.30 5.54 -9.40
C VAL A 41 24.02 4.06 -9.24
N GLY A 42 24.30 3.30 -10.28
CA GLY A 42 24.10 1.87 -10.24
C GLY A 42 25.02 1.18 -9.26
N ALA A 43 24.73 -0.10 -9.04
CA ALA A 43 25.52 -0.87 -8.09
C ALA A 43 26.97 -0.92 -8.51
N ASP A 44 27.26 -0.84 -9.81
CA ASP A 44 28.62 -0.89 -10.32
C ASP A 44 29.27 0.48 -10.43
N GLY A 45 28.61 1.55 -9.95
CA GLY A 45 29.20 2.86 -10.00
C GLY A 45 28.87 3.66 -11.24
N THR A 46 28.15 3.10 -12.18
CA THR A 46 27.82 3.80 -13.40
CA THR A 46 27.82 3.80 -13.40
C THR A 46 26.59 4.67 -13.18
N ARG A 47 26.64 5.90 -13.67
CA ARG A 47 25.57 6.85 -13.45
C ARG A 47 24.40 6.54 -14.37
N VAL A 48 23.18 6.76 -13.87
CA VAL A 48 21.96 6.57 -14.62
C VAL A 48 21.57 7.93 -15.19
N HIS A 49 21.65 8.06 -16.51
CA HIS A 49 21.41 9.30 -17.23
C HIS A 49 20.07 9.35 -17.94
N ASP A 50 19.38 8.22 -18.10
CA ASP A 50 18.20 8.20 -18.95
C ASP A 50 17.15 7.25 -18.38
N ARG A 51 15.91 7.45 -18.85
N ARG A 51 15.92 7.45 -18.86
CA ARG A 51 14.79 6.70 -18.32
CA ARG A 51 14.77 6.70 -18.34
C ARG A 51 14.85 5.22 -18.67
C ARG A 51 14.82 5.22 -18.69
N ALA A 52 15.45 4.86 -19.80
CA ALA A 52 15.50 3.45 -20.17
C ALA A 52 16.43 2.70 -19.22
N THR A 53 17.58 3.29 -18.94
CA THR A 53 18.52 2.66 -18.02
C THR A 53 17.88 2.55 -16.65
N TRP A 54 17.17 3.61 -16.23
CA TRP A 54 16.41 3.53 -14.99
C TRP A 54 15.45 2.34 -15.03
N GLN A 55 14.58 2.31 -16.02
CA GLN A 55 13.49 1.33 -16.03
C GLN A 55 14.00 -0.10 -16.16
N HIS A 56 15.06 -0.33 -16.91
CA HIS A 56 15.43 -1.69 -17.31
C HIS A 56 16.68 -2.23 -16.67
N ARG A 57 17.50 -1.39 -16.04
CA ARG A 57 18.66 -1.83 -15.27
C ARG A 57 18.58 -1.42 -13.82
N ARG A 58 18.37 -0.13 -13.53
CA ARG A 58 18.48 0.28 -12.13
C ARG A 58 17.27 -0.19 -11.31
N ARG A 59 16.06 -0.10 -11.88
CA ARG A 59 14.87 -0.55 -11.16
C ARG A 59 14.98 -2.02 -10.75
N PRO A 60 15.33 -2.96 -11.63
CA PRO A 60 15.52 -4.34 -11.17
C PRO A 60 16.60 -4.50 -10.10
N GLU A 61 17.72 -3.79 -10.24
CA GLU A 61 18.74 -3.79 -9.20
C GLU A 61 18.15 -3.43 -7.84
N LEU A 62 17.43 -2.30 -7.77
CA LEU A 62 16.92 -1.86 -6.48
C LEU A 62 15.82 -2.79 -5.98
N LEU A 63 14.95 -3.24 -6.87
CA LEU A 63 13.93 -4.21 -6.47
C LEU A 63 14.58 -5.42 -5.82
N GLN A 64 15.67 -5.93 -6.37
CA GLN A 64 16.27 -7.12 -5.78
C GLN A 64 16.96 -6.82 -4.45
N LEU A 65 17.52 -5.61 -4.31
CA LEU A 65 18.09 -5.26 -3.01
C LEU A 65 17.00 -5.18 -1.94
N PHE A 66 15.89 -4.50 -2.24
CA PHE A 66 14.83 -4.43 -1.25
C PHE A 66 14.26 -5.81 -0.98
N ALA A 67 14.19 -6.66 -2.01
CA ALA A 67 13.66 -8.01 -1.81
C ALA A 67 14.58 -8.83 -0.90
N ARG A 68 15.88 -8.76 -1.14
CA ARG A 68 16.79 -9.62 -0.42
C ARG A 68 17.02 -9.12 1.01
N GLU A 69 17.11 -7.80 1.17
CA GLU A 69 17.65 -7.22 2.40
C GLU A 69 16.58 -6.65 3.32
N VAL A 70 15.39 -6.35 2.81
CA VAL A 70 14.39 -5.66 3.61
C VAL A 70 13.10 -6.47 3.70
N TYR A 71 12.35 -6.56 2.60
CA TYR A 71 11.02 -7.15 2.67
C TYR A 71 11.03 -8.65 2.54
N GLY A 72 12.07 -9.21 1.94
CA GLY A 72 12.05 -10.60 1.53
C GLY A 72 11.52 -10.76 0.11
N ARG A 73 11.83 -11.90 -0.50
CA ARG A 73 11.51 -12.11 -1.90
C ARG A 73 10.03 -12.42 -2.07
N THR A 74 9.38 -11.71 -2.98
CA THR A 74 8.06 -12.11 -3.42
C THR A 74 8.25 -13.31 -4.33
N PRO A 75 7.73 -14.48 -3.99
CA PRO A 75 8.15 -15.69 -4.74
C PRO A 75 7.50 -15.84 -6.10
N LEU A 76 6.37 -15.19 -6.35
CA LEU A 76 5.64 -15.30 -7.59
C LEU A 76 4.73 -14.08 -7.63
N GLY A 77 4.37 -13.65 -8.83
CA GLY A 77 3.39 -12.59 -8.94
C GLY A 77 2.01 -13.21 -8.97
N ARG A 78 1.31 -13.05 -10.08
CA ARG A 78 -0.01 -13.66 -10.19
C ARG A 78 0.11 -15.16 -10.23
N PRO A 79 -0.54 -15.89 -9.34
CA PRO A 79 -0.51 -17.36 -9.42
C PRO A 79 -1.49 -17.86 -10.48
N GLU A 80 -1.14 -18.98 -11.11
CA GLU A 80 -2.07 -19.51 -12.10
C GLU A 80 -3.33 -20.01 -11.38
N GLY A 81 -4.45 -19.95 -12.07
CA GLY A 81 -5.66 -20.49 -11.48
C GLY A 81 -6.36 -19.59 -10.48
N MET A 82 -6.12 -18.30 -10.50
CA MET A 82 -6.88 -17.43 -9.63
CA MET A 82 -6.88 -17.42 -9.64
C MET A 82 -8.34 -17.45 -10.08
N VAL A 83 -9.23 -17.54 -9.11
CA VAL A 83 -10.66 -17.53 -9.40
C VAL A 83 -11.34 -16.40 -8.64
N PHE A 84 -12.29 -15.74 -9.32
CA PHE A 84 -13.03 -14.61 -8.76
C PHE A 84 -14.49 -14.97 -8.67
N LYS A 85 -15.06 -14.91 -7.46
N LYS A 85 -15.05 -14.94 -7.45
CA LYS A 85 -16.44 -15.27 -7.20
CA LYS A 85 -16.45 -15.28 -7.21
C LYS A 85 -17.15 -14.06 -6.59
C LYS A 85 -17.16 -14.07 -6.59
N VAL A 86 -18.07 -13.46 -7.35
CA VAL A 86 -18.90 -12.42 -6.75
C VAL A 86 -19.91 -13.10 -5.82
N THR A 87 -19.81 -12.79 -4.52
CA THR A 87 -20.71 -13.44 -3.57
C THR A 87 -21.97 -12.62 -3.29
N THR A 88 -21.87 -11.29 -3.39
CA THR A 88 -23.02 -10.40 -3.20
C THR A 88 -22.88 -9.22 -4.15
N MET A 89 -24.01 -8.73 -4.66
CA MET A 89 -23.99 -7.50 -5.44
C MET A 89 -25.29 -6.74 -5.17
N GLU A 90 -25.15 -5.51 -4.71
CA GLU A 90 -26.30 -4.64 -4.42
C GLU A 90 -26.14 -3.37 -5.24
N HIS A 91 -27.13 -3.08 -6.08
N HIS A 91 -27.13 -3.08 -6.09
CA HIS A 91 -27.05 -1.92 -6.94
CA HIS A 91 -27.04 -1.91 -6.94
C HIS A 91 -27.50 -0.62 -6.28
C HIS A 91 -27.48 -0.61 -6.26
N ALA A 92 -28.12 -0.70 -5.09
CA ALA A 92 -28.65 0.48 -4.41
C ALA A 92 -28.06 0.63 -3.00
N ALA A 93 -26.79 0.27 -2.83
CA ALA A 93 -26.14 0.47 -1.55
C ALA A 93 -25.97 1.96 -1.25
N LEU A 94 -25.73 2.26 0.03
CA LEU A 94 -25.53 3.63 0.50
C LEU A 94 -26.63 4.54 -0.02
N GLY A 95 -27.86 4.07 0.16
CA GLY A 95 -29.03 4.86 -0.21
C GLY A 95 -29.14 5.17 -1.69
N GLY A 96 -28.57 4.33 -2.55
CA GLY A 96 -28.59 4.56 -3.98
C GLY A 96 -27.29 5.10 -4.53
N ALA A 97 -26.36 5.50 -3.67
CA ALA A 97 -25.16 6.16 -4.16
C ALA A 97 -24.19 5.19 -4.82
N ALA A 98 -24.20 3.93 -4.42
CA ALA A 98 -23.15 3.03 -4.89
C ALA A 98 -23.71 1.66 -5.23
N THR A 99 -23.00 0.98 -6.15
CA THR A 99 -23.12 -0.46 -6.28
C THR A 99 -22.03 -1.08 -5.39
N ARG A 100 -22.44 -1.99 -4.53
CA ARG A 100 -21.54 -2.68 -3.60
C ARG A 100 -21.40 -4.12 -4.05
N LYS A 101 -20.15 -4.57 -4.19
CA LYS A 101 -19.86 -5.96 -4.50
C LYS A 101 -18.91 -6.57 -3.48
N GLU A 102 -19.12 -7.83 -3.16
CA GLU A 102 -18.19 -8.60 -2.35
C GLU A 102 -17.72 -9.75 -3.21
N VAL A 103 -16.41 -9.91 -3.27
CA VAL A 103 -15.78 -10.84 -4.18
C VAL A 103 -14.79 -11.68 -3.40
N THR A 104 -14.89 -13.00 -3.51
CA THR A 104 -13.84 -13.88 -3.00
C THR A 104 -12.82 -14.08 -4.11
N VAL A 105 -11.56 -13.72 -3.83
CA VAL A 105 -10.45 -13.85 -4.75
C VAL A 105 -9.63 -15.02 -4.24
N ARG A 106 -9.74 -16.17 -4.92
CA ARG A 106 -9.07 -17.37 -4.50
C ARG A 106 -7.83 -17.54 -5.35
N PHE A 107 -6.71 -17.91 -4.68
CA PHE A 107 -5.39 -17.86 -5.28
C PHE A 107 -5.00 -19.12 -6.04
N GLY A 108 -5.91 -20.08 -6.18
CA GLY A 108 -5.73 -21.25 -7.03
C GLY A 108 -7.10 -21.83 -7.32
N ARG A 109 -7.13 -22.79 -8.24
CA ARG A 109 -8.44 -23.24 -8.72
C ARG A 109 -9.14 -24.17 -7.74
N ASP A 110 -8.39 -24.92 -6.98
CA ASP A 110 -9.01 -25.80 -6.04
C ASP A 110 -9.72 -24.93 -5.00
N PRO A 111 -10.95 -25.25 -4.65
CA PRO A 111 -11.62 -24.52 -3.55
C PRO A 111 -10.82 -24.50 -2.25
N ASN A 112 -9.79 -25.35 -2.13
CA ASN A 112 -8.96 -25.42 -0.93
C ASN A 112 -7.74 -24.50 -0.96
N ALA A 113 -7.57 -23.70 -1.99
CA ALA A 113 -6.50 -22.74 -1.97
C ALA A 113 -6.93 -21.57 -1.09
N PRO A 114 -5.98 -20.84 -0.51
CA PRO A 114 -6.34 -19.67 0.31
C PRO A 114 -6.96 -18.59 -0.56
N SER A 115 -7.68 -17.68 0.13
CA SER A 115 -8.40 -16.62 -0.56
C SER A 115 -8.42 -15.35 0.28
N MET A 116 -9.02 -14.34 -0.28
CA MET A 116 -9.22 -13.08 0.38
C MET A 116 -10.55 -12.53 -0.06
N GLN A 117 -11.15 -11.73 0.79
CA GLN A 117 -12.48 -11.17 0.52
C GLN A 117 -12.38 -9.67 0.22
N LEU A 118 -12.73 -9.30 -1.00
CA LEU A 118 -12.65 -7.92 -1.47
C LEU A 118 -14.03 -7.27 -1.40
N LEU A 119 -14.06 -6.09 -0.80
CA LEU A 119 -15.24 -5.22 -0.77
C LEU A 119 -15.00 -4.09 -1.74
N LEU A 120 -16.01 -3.79 -2.56
CA LEU A 120 -15.91 -2.75 -3.57
C LEU A 120 -17.20 -1.93 -3.58
N TYR A 121 -17.05 -0.63 -3.44
CA TYR A 121 -18.15 0.32 -3.67
C TYR A 121 -17.83 1.09 -4.93
N VAL A 122 -18.80 1.17 -5.87
CA VAL A 122 -18.62 1.85 -7.13
C VAL A 122 -19.68 2.93 -7.20
N PRO A 123 -19.32 4.17 -7.56
CA PRO A 123 -20.32 5.27 -7.61
C PRO A 123 -21.26 5.05 -8.77
N ASN A 124 -22.56 4.98 -8.46
CA ASN A 124 -23.58 4.74 -9.48
C ASN A 124 -23.66 5.87 -10.48
N ALA A 125 -23.36 7.10 -10.05
CA ALA A 125 -23.36 8.20 -10.98
C ALA A 125 -22.43 7.94 -12.15
N VAL A 126 -21.34 7.21 -11.93
CA VAL A 126 -20.37 6.99 -12.99
C VAL A 126 -20.81 5.86 -13.90
N ILE A 127 -21.14 4.72 -13.32
CA ILE A 127 -21.53 3.56 -14.13
C ILE A 127 -22.91 3.76 -14.75
N ALA A 128 -23.73 4.67 -14.22
CA ALA A 128 -24.98 4.99 -14.89
C ALA A 128 -24.74 5.65 -16.24
N ARG A 129 -23.59 6.30 -16.39
CA ARG A 129 -23.19 6.92 -17.63
C ARG A 129 -22.52 5.97 -18.60
N ALA A 130 -22.43 4.69 -18.28
CA ALA A 130 -21.72 3.72 -19.12
C ALA A 130 -20.22 4.06 -19.18
N GLU A 131 -19.66 4.46 -18.04
CA GLU A 131 -18.25 4.74 -17.90
C GLU A 131 -17.72 3.88 -16.77
N ARG A 132 -16.45 3.51 -16.86
CA ARG A 132 -15.83 2.76 -15.79
C ARG A 132 -15.20 3.74 -14.79
N ALA A 133 -15.32 3.44 -13.52
CA ALA A 133 -14.85 4.35 -12.47
C ALA A 133 -13.38 4.06 -12.14
N PRO A 134 -12.56 5.09 -11.92
CA PRO A 134 -11.26 4.90 -11.28
C PRO A 134 -11.49 4.37 -9.88
N VAL A 135 -10.42 3.90 -9.24
CA VAL A 135 -10.54 3.20 -7.95
C VAL A 135 -9.44 3.62 -6.97
N PHE A 136 -9.82 3.77 -5.70
CA PHE A 136 -8.86 3.79 -4.60
C PHE A 136 -8.88 2.41 -3.98
N LEU A 137 -7.69 1.80 -3.83
CA LEU A 137 -7.57 0.44 -3.29
C LEU A 137 -6.59 0.49 -2.13
N GLY A 138 -7.00 -0.02 -0.97
CA GLY A 138 -6.08 -0.24 0.13
C GLY A 138 -6.58 -1.26 1.13
N LEU A 139 -5.66 -1.78 1.93
CA LEU A 139 -6.05 -2.79 2.89
C LEU A 139 -6.57 -2.10 4.13
N ASN A 140 -7.42 -2.80 4.87
CA ASN A 140 -7.87 -2.30 6.16
C ASN A 140 -7.25 -3.09 7.30
N PHE A 141 -7.37 -2.55 8.50
CA PHE A 141 -6.67 -3.13 9.64
C PHE A 141 -7.46 -4.20 10.35
N TYR A 142 -8.78 -4.09 10.41
CA TYR A 142 -9.56 -4.88 11.34
C TYR A 142 -10.75 -5.58 10.70
N GLY A 143 -10.89 -5.52 9.38
CA GLY A 143 -11.95 -6.21 8.68
C GLY A 143 -12.75 -5.29 7.77
N ASN A 144 -13.23 -5.87 6.66
CA ASN A 144 -14.02 -5.08 5.72
C ASN A 144 -15.22 -4.43 6.39
N HIS A 145 -15.86 -5.16 7.31
CA HIS A 145 -17.03 -4.59 7.99
C HIS A 145 -16.70 -3.37 8.84
N THR A 146 -15.43 -3.07 9.08
CA THR A 146 -15.07 -1.93 9.91
C THR A 146 -14.94 -0.64 9.12
N VAL A 147 -14.91 -0.69 7.78
CA VAL A 147 -14.64 0.50 7.01
C VAL A 147 -15.90 1.34 6.87
N HIS A 148 -17.08 0.75 7.08
CA HIS A 148 -18.36 1.47 6.97
C HIS A 148 -19.37 0.72 7.84
N THR A 149 -20.32 1.46 8.42
CA THR A 149 -21.34 0.81 9.23
C THR A 149 -22.27 -0.09 8.41
N ASP A 150 -22.26 0.03 7.06
CA ASP A 150 -23.15 -0.68 6.18
C ASP A 150 -23.42 -2.07 6.71
N PRO A 151 -24.63 -2.36 7.18
CA PRO A 151 -24.88 -3.65 7.85
C PRO A 151 -24.83 -4.85 6.92
N ALA A 152 -24.83 -4.64 5.62
CA ALA A 152 -24.82 -5.74 4.68
C ALA A 152 -23.41 -6.27 4.41
N ILE A 153 -22.36 -5.56 4.82
CA ILE A 153 -21.01 -6.10 4.63
C ILE A 153 -20.86 -7.37 5.44
N ALA A 154 -20.30 -8.40 4.82
CA ALA A 154 -20.03 -9.64 5.54
C ALA A 154 -19.05 -9.38 6.68
N LEU A 155 -19.41 -9.86 7.87
CA LEU A 155 -18.47 -9.82 8.98
C LEU A 155 -17.31 -10.75 8.66
N SER A 156 -16.08 -10.27 8.81
CA SER A 156 -14.94 -11.14 8.58
C SER A 156 -15.04 -12.37 9.48
N ALA A 157 -14.75 -13.52 8.90
CA ALA A 157 -14.72 -14.79 9.63
C ALA A 157 -13.29 -15.17 10.00
N ARG A 158 -12.37 -14.21 9.98
CA ARG A 158 -10.97 -14.49 10.24
C ARG A 158 -10.57 -13.96 11.61
N TRP A 159 -9.34 -14.27 11.98
CA TRP A 159 -8.78 -13.79 13.23
C TRP A 159 -8.58 -12.30 13.17
N ILE A 160 -8.99 -11.61 14.23
CA ILE A 160 -8.88 -10.16 14.34
C ILE A 160 -8.01 -9.87 15.56
N PRO A 161 -7.14 -8.87 15.51
CA PRO A 161 -6.26 -8.62 16.65
C PRO A 161 -7.02 -8.02 17.82
N ALA A 162 -6.44 -8.21 19.01
CA ALA A 162 -7.08 -7.74 20.24
C ALA A 162 -7.30 -6.24 20.21
N GLU A 163 -6.43 -5.49 19.55
CA GLU A 163 -6.57 -4.04 19.50
C GLU A 163 -7.74 -3.58 18.65
N ALA A 164 -8.35 -4.47 17.87
CA ALA A 164 -9.48 -4.05 17.04
C ALA A 164 -10.59 -3.54 17.95
N PRO A 165 -11.20 -2.41 17.62
CA PRO A 165 -12.33 -1.94 18.45
C PRO A 165 -13.49 -2.93 18.43
N ASN A 166 -14.07 -3.15 19.61
CA ASN A 166 -15.25 -3.99 19.76
C ASN A 166 -15.00 -5.42 19.28
N GLY A 167 -13.76 -5.89 19.40
CA GLY A 167 -13.50 -7.30 19.18
C GLY A 167 -13.96 -8.15 20.35
N ALA A 168 -14.33 -9.39 20.03
CA ALA A 168 -14.77 -10.37 21.04
C ALA A 168 -13.95 -11.63 20.81
N ASN A 169 -12.92 -11.83 21.63
CA ASN A 169 -12.06 -13.01 21.56
C ASN A 169 -11.57 -13.23 20.13
N HIS A 170 -11.08 -12.15 19.51
CA HIS A 170 -10.50 -12.18 18.17
C HIS A 170 -11.50 -12.62 17.10
N ARG A 171 -12.79 -12.46 17.34
CA ARG A 171 -13.83 -12.73 16.36
C ARG A 171 -14.54 -11.42 16.05
N ALA A 172 -14.95 -11.26 14.80
CA ALA A 172 -15.71 -10.07 14.44
C ALA A 172 -17.05 -10.11 15.14
N THR A 173 -17.56 -8.93 15.47
CA THR A 173 -18.87 -8.78 16.07
C THR A 173 -19.62 -7.67 15.35
N GLU A 174 -20.94 -7.62 15.57
CA GLU A 174 -21.73 -6.55 14.97
C GLU A 174 -21.31 -5.18 15.50
N ALA A 175 -20.73 -5.10 16.70
CA ALA A 175 -20.39 -3.82 17.29
C ALA A 175 -19.12 -3.22 16.70
N ALA A 176 -18.35 -4.02 15.95
CA ALA A 176 -17.19 -3.51 15.26
C ALA A 176 -17.52 -2.92 13.90
N ARG A 177 -18.77 -3.06 13.44
CA ARG A 177 -19.14 -2.48 12.17
C ARG A 177 -18.92 -0.97 12.19
N GLY A 178 -18.25 -0.46 11.17
CA GLY A 178 -17.95 0.95 11.09
C GLY A 178 -16.97 1.45 12.12
N SER A 179 -16.32 0.55 12.85
CA SER A 179 -15.42 0.93 13.92
C SER A 179 -14.16 1.63 13.43
N ASP A 180 -13.82 1.51 12.15
CA ASP A 180 -12.67 2.22 11.56
C ASP A 180 -13.10 3.17 10.45
N ALA A 181 -14.36 3.61 10.47
CA ALA A 181 -14.89 4.43 9.38
C ALA A 181 -14.23 5.80 9.29
N GLN A 182 -13.62 6.31 10.37
CA GLN A 182 -12.96 7.60 10.27
C GLN A 182 -11.79 7.60 9.30
N LYS A 183 -11.14 6.44 9.11
CA LYS A 183 -10.07 6.36 8.12
C LYS A 183 -10.62 6.15 6.69
N TRP A 184 -11.93 6.05 6.53
CA TRP A 184 -12.53 5.61 5.28
C TRP A 184 -13.72 6.49 4.91
N PRO A 185 -13.48 7.65 4.35
CA PRO A 185 -14.62 8.52 4.00
C PRO A 185 -15.28 8.08 2.70
N VAL A 186 -16.04 6.98 2.78
CA VAL A 186 -16.49 6.30 1.56
C VAL A 186 -17.40 7.20 0.74
N GLU A 187 -18.35 7.88 1.41
CA GLU A 187 -19.31 8.68 0.68
C GLU A 187 -18.66 9.83 -0.07
N GLN A 188 -17.69 10.52 0.57
CA GLN A 188 -16.98 11.60 -0.11
C GLN A 188 -16.18 11.08 -1.30
N ILE A 189 -15.49 9.95 -1.11
CA ILE A 189 -14.72 9.35 -2.20
C ILE A 189 -15.64 9.04 -3.39
N LEU A 190 -16.79 8.41 -3.14
CA LEU A 190 -17.74 8.11 -4.19
C LEU A 190 -18.31 9.37 -4.83
N ALA A 191 -18.60 10.38 -4.01
CA ALA A 191 -19.17 11.62 -4.53
C ALA A 191 -18.20 12.33 -5.46
N ARG A 192 -16.91 12.09 -5.28
CA ARG A 192 -15.88 12.64 -6.14
C ARG A 192 -15.59 11.75 -7.36
N GLY A 193 -16.32 10.65 -7.52
CA GLY A 193 -16.25 9.86 -8.73
C GLY A 193 -15.33 8.66 -8.70
N TYR A 194 -14.92 8.22 -7.51
CA TYR A 194 -14.00 7.09 -7.35
C TYR A 194 -14.70 5.92 -6.66
N ALA A 195 -14.43 4.71 -7.16
CA ALA A 195 -14.76 3.50 -6.43
C ALA A 195 -13.81 3.29 -5.25
N VAL A 196 -14.29 2.55 -4.28
CA VAL A 196 -13.50 2.23 -3.08
C VAL A 196 -13.40 0.72 -3.02
N ALA A 197 -12.16 0.20 -3.06
CA ALA A 197 -11.91 -1.23 -2.88
C ALA A 197 -11.02 -1.49 -1.66
N THR A 198 -11.33 -2.54 -0.93
CA THR A 198 -10.54 -2.86 0.26
C THR A 198 -10.60 -4.35 0.57
N VAL A 199 -9.56 -4.81 1.26
CA VAL A 199 -9.42 -6.17 1.74
C VAL A 199 -8.80 -6.06 3.13
N TYR A 200 -9.28 -6.88 4.07
CA TYR A 200 -8.63 -6.99 5.38
C TYR A 200 -7.24 -7.59 5.26
N CYS A 201 -6.23 -6.86 5.74
CA CYS A 201 -4.86 -7.38 5.67
C CYS A 201 -4.74 -8.78 6.27
N GLY A 202 -5.56 -9.10 7.26
CA GLY A 202 -5.42 -10.40 7.92
C GLY A 202 -5.90 -11.57 7.10
N ASP A 203 -6.63 -11.31 6.00
CA ASP A 203 -6.90 -12.38 5.05
C ASP A 203 -5.61 -12.91 4.45
N LEU A 204 -4.61 -12.05 4.33
CA LEU A 204 -3.37 -12.39 3.67
C LEU A 204 -2.28 -12.83 4.63
N CYS A 205 -2.06 -12.05 5.68
CA CYS A 205 -1.24 -12.47 6.79
C CYS A 205 -1.85 -11.86 8.04
N PRO A 206 -2.38 -12.68 8.95
CA PRO A 206 -2.80 -12.15 10.26
C PRO A 206 -1.65 -11.38 10.89
N ASP A 207 -1.98 -10.23 11.51
CA ASP A 207 -0.94 -9.36 12.04
C ASP A 207 -0.64 -9.77 13.47
N ARG A 208 0.24 -10.76 13.59
CA ARG A 208 0.66 -11.33 14.85
C ARG A 208 1.91 -12.12 14.53
N PRO A 209 2.82 -12.27 15.49
CA PRO A 209 4.15 -12.78 15.12
C PRO A 209 4.15 -14.18 14.53
N ASP A 210 3.14 -14.99 14.82
CA ASP A 210 3.05 -16.32 14.28
C ASP A 210 2.18 -16.36 13.03
N GLY A 211 1.79 -15.20 12.50
CA GLY A 211 0.79 -15.15 11.45
C GLY A 211 1.24 -15.68 10.11
N LEU A 212 2.54 -15.63 9.81
CA LEU A 212 3.00 -16.15 8.52
C LEU A 212 2.74 -17.65 8.39
N ASN A 213 2.61 -18.37 9.50
CA ASN A 213 2.35 -19.80 9.43
C ASN A 213 0.95 -20.10 8.95
N ALA A 214 0.07 -19.12 8.95
CA ALA A 214 -1.33 -19.26 8.55
C ALA A 214 -1.65 -18.21 7.51
N SER A 215 -0.83 -18.14 6.47
CA SER A 215 -0.93 -17.06 5.52
C SER A 215 -0.67 -17.58 4.11
N VAL A 216 -0.81 -16.66 3.17
CA VAL A 216 -0.39 -16.92 1.79
C VAL A 216 1.02 -17.46 1.76
N ALA A 217 1.89 -16.94 2.63
CA ALA A 217 3.30 -17.33 2.61
C ALA A 217 3.46 -18.82 2.86
N SER A 218 2.70 -19.37 3.79
CA SER A 218 2.90 -20.77 4.14
C SER A 218 2.34 -21.70 3.07
N TRP A 219 1.45 -21.20 2.22
CA TRP A 219 0.93 -21.99 1.12
C TRP A 219 1.77 -21.85 -0.14
N LEU A 220 2.33 -20.67 -0.37
CA LEU A 220 2.92 -20.32 -1.66
C LEU A 220 4.39 -20.69 -1.77
N ASP A 221 4.81 -21.77 -1.10
CA ASP A 221 6.10 -22.44 -1.30
C ASP A 221 6.63 -23.05 -0.01
N ALA A 222 7.81 -22.58 0.43
CA ALA A 222 8.45 -23.10 1.64
C ALA A 222 8.72 -24.60 1.54
N ALA A 223 7.77 -25.34 0.97
CA ALA A 223 7.85 -26.80 0.86
C ALA A 223 8.08 -27.42 2.24
N ALA A 224 8.78 -28.55 2.27
CA ALA A 224 8.82 -29.42 3.44
C ALA A 224 9.63 -28.88 4.61
N GLY A 225 9.90 -27.58 4.65
CA GLY A 225 10.68 -26.98 5.72
C GLY A 225 9.80 -26.29 6.74
N ASP A 226 10.29 -26.23 7.99
CA ASP A 226 9.58 -25.53 9.05
C ASP A 226 10.09 -24.11 9.26
N GLN A 227 11.38 -23.86 9.07
CA GLN A 227 11.99 -22.58 9.41
C GLN A 227 11.93 -21.61 8.23
N ARG A 228 11.57 -20.37 8.51
CA ARG A 228 11.51 -19.36 7.47
C ARG A 228 12.92 -19.00 6.97
N ALA A 229 13.09 -18.96 5.65
CA ALA A 229 14.40 -18.71 5.03
C ALA A 229 14.85 -17.28 5.31
N PRO A 230 16.16 -17.01 5.27
CA PRO A 230 16.61 -15.64 5.60
C PRO A 230 16.01 -14.57 4.71
N ASP A 231 15.88 -14.83 3.41
CA ASP A 231 15.34 -13.89 2.42
C ASP A 231 13.86 -14.11 2.16
N ALA A 232 13.18 -14.87 3.02
CA ALA A 232 11.76 -15.10 2.81
C ALA A 232 10.95 -13.86 3.19
N TRP A 233 9.89 -13.60 2.42
CA TRP A 233 9.05 -12.45 2.69
C TRP A 233 8.32 -12.60 4.02
N GLY A 234 7.95 -11.44 4.57
CA GLY A 234 7.12 -11.34 5.75
C GLY A 234 5.76 -10.73 5.46
N ALA A 235 5.13 -10.22 6.52
CA ALA A 235 3.77 -9.68 6.42
C ALA A 235 3.69 -8.55 5.41
N ILE A 236 4.69 -7.66 5.37
CA ILE A 236 4.60 -6.54 4.46
C ILE A 236 4.58 -7.01 3.01
N GLY A 237 5.42 -8.00 2.70
CA GLY A 237 5.47 -8.54 1.36
C GLY A 237 4.19 -9.26 0.98
N VAL A 238 3.63 -10.03 1.93
CA VAL A 238 2.40 -10.74 1.64
C VAL A 238 1.24 -9.77 1.48
N TRP A 239 1.15 -8.76 2.36
CA TRP A 239 0.11 -7.74 2.22
C TRP A 239 0.21 -7.04 0.88
N ALA A 240 1.43 -6.66 0.48
CA ALA A 240 1.61 -6.01 -0.80
C ALA A 240 1.16 -6.90 -1.95
N TRP A 241 1.52 -8.20 -1.92
CA TRP A 241 1.07 -9.15 -2.92
C TRP A 241 -0.44 -9.19 -3.03
N GLY A 242 -1.14 -9.22 -1.90
CA GLY A 242 -2.60 -9.17 -1.94
C GLY A 242 -3.15 -7.95 -2.66
N LEU A 243 -2.49 -6.80 -2.48
CA LEU A 243 -2.93 -5.62 -3.21
C LEU A 243 -2.84 -5.84 -4.71
N SER A 244 -1.78 -6.48 -5.17
CA SER A 244 -1.67 -6.80 -6.59
C SER A 244 -2.69 -7.84 -7.03
N ARG A 245 -3.07 -8.77 -6.15
CA ARG A 245 -4.11 -9.72 -6.51
C ARG A 245 -5.47 -9.04 -6.58
N ALA A 246 -5.69 -8.04 -5.74
CA ALA A 246 -6.92 -7.26 -5.82
C ALA A 246 -7.00 -6.54 -7.15
N LEU A 247 -5.86 -6.03 -7.62
CA LEU A 247 -5.83 -5.35 -8.89
C LEU A 247 -6.12 -6.34 -10.02
N ASP A 248 -5.58 -7.56 -9.91
CA ASP A 248 -5.94 -8.59 -10.87
C ASP A 248 -7.45 -8.73 -10.97
N TYR A 249 -8.15 -8.73 -9.83
CA TYR A 249 -9.60 -8.83 -9.88
C TYR A 249 -10.23 -7.60 -10.55
N LEU A 250 -9.75 -6.39 -10.21
CA LEU A 250 -10.36 -5.19 -10.78
C LEU A 250 -10.21 -5.14 -12.28
N GLU A 251 -9.22 -5.82 -12.85
CA GLU A 251 -9.07 -5.90 -14.29
C GLU A 251 -10.21 -6.65 -14.97
N THR A 252 -10.90 -7.52 -14.24
CA THR A 252 -12.00 -8.26 -14.82
C THR A 252 -13.35 -7.66 -14.51
N ASP A 253 -13.41 -6.71 -13.59
CA ASP A 253 -14.67 -6.08 -13.20
C ASP A 253 -15.07 -4.99 -14.20
N PRO A 254 -16.19 -5.16 -14.92
CA PRO A 254 -16.56 -4.16 -15.94
C PRO A 254 -16.99 -2.81 -15.39
N LEU A 255 -17.11 -2.63 -14.08
CA LEU A 255 -17.55 -1.36 -13.53
C LEU A 255 -16.41 -0.40 -13.25
N VAL A 256 -15.16 -0.88 -13.29
CA VAL A 256 -14.02 -0.08 -12.86
C VAL A 256 -12.96 -0.13 -13.94
N ASP A 257 -12.12 0.89 -13.93
CA ASP A 257 -11.02 1.03 -14.88
C ASP A 257 -9.74 0.66 -14.13
N ALA A 258 -9.26 -0.56 -14.37
CA ALA A 258 -8.14 -1.04 -13.58
C ALA A 258 -6.81 -0.39 -13.96
N SER A 259 -6.79 0.44 -15.00
CA SER A 259 -5.63 1.25 -15.35
C SER A 259 -5.59 2.55 -14.56
N ARG A 260 -6.60 2.82 -13.74
CA ARG A 260 -6.67 4.05 -12.96
CA ARG A 260 -6.67 4.04 -12.97
C ARG A 260 -6.91 3.69 -11.50
N VAL A 261 -5.98 2.95 -10.92
CA VAL A 261 -6.08 2.49 -9.54
C VAL A 261 -5.03 3.21 -8.69
N ALA A 262 -5.50 3.97 -7.70
CA ALA A 262 -4.63 4.54 -6.68
C ALA A 262 -4.55 3.58 -5.49
N VAL A 263 -3.37 3.05 -5.24
CA VAL A 263 -3.15 2.15 -4.11
C VAL A 263 -2.65 2.98 -2.95
N HIS A 264 -3.29 2.83 -1.81
CA HIS A 264 -3.02 3.64 -0.62
C HIS A 264 -2.96 2.75 0.61
N GLY A 265 -2.27 3.23 1.64
CA GLY A 265 -2.39 2.59 2.94
C GLY A 265 -1.90 3.50 4.04
N HIS A 266 -2.38 3.19 5.24
CA HIS A 266 -2.03 3.93 6.45
C HIS A 266 -1.04 3.11 7.26
N SER A 267 0.06 3.73 7.68
CA SER A 267 0.99 3.17 8.66
C SER A 267 1.52 1.83 8.13
N ARG A 268 1.45 0.74 8.91
CA ARG A 268 1.98 -0.53 8.43
C ARG A 268 1.41 -0.94 7.09
N LEU A 269 0.15 -0.58 6.81
CA LEU A 269 -0.46 -0.87 5.51
C LEU A 269 -0.04 0.11 4.43
N GLY A 270 0.50 1.27 4.81
CA GLY A 270 1.17 2.14 3.87
C GLY A 270 2.55 1.67 3.49
N LYS A 271 3.23 0.97 4.42
CA LYS A 271 4.46 0.28 4.06
C LYS A 271 4.18 -0.77 2.99
N ALA A 272 3.10 -1.52 3.18
CA ALA A 272 2.68 -2.48 2.15
C ALA A 272 2.28 -1.78 0.86
N ALA A 273 1.53 -0.69 0.93
CA ALA A 273 1.11 -0.02 -0.31
C ALA A 273 2.32 0.49 -1.08
N LEU A 274 3.35 0.99 -0.39
CA LEU A 274 4.55 1.41 -1.10
C LEU A 274 5.23 0.22 -1.79
N TRP A 275 5.42 -0.87 -1.05
CA TRP A 275 6.04 -2.06 -1.65
C TRP A 275 5.21 -2.60 -2.78
N ALA A 276 3.89 -2.56 -2.67
CA ALA A 276 3.07 -3.07 -3.78
C ALA A 276 3.20 -2.15 -4.99
N GLY A 277 3.07 -0.84 -4.77
CA GLY A 277 3.18 0.10 -5.87
C GLY A 277 4.56 0.13 -6.49
N ALA A 278 5.61 -0.13 -5.69
CA ALA A 278 6.96 -0.21 -6.25
C ALA A 278 7.14 -1.46 -7.11
N GLN A 279 6.63 -2.60 -6.65
CA GLN A 279 6.88 -3.85 -7.36
C GLN A 279 5.99 -3.99 -8.59
N ASP A 280 4.82 -3.38 -8.56
CA ASP A 280 3.80 -3.63 -9.58
C ASP A 280 3.47 -2.31 -10.26
N ASP A 281 4.09 -2.07 -11.41
CA ASP A 281 3.91 -0.77 -12.05
C ASP A 281 2.55 -0.63 -12.73
N ARG A 282 1.64 -1.60 -12.58
CA ARG A 282 0.30 -1.38 -13.08
C ARG A 282 -0.48 -0.38 -12.21
N PHE A 283 -0.16 -0.28 -10.93
CA PHE A 283 -0.81 0.70 -10.07
C PHE A 283 -0.54 2.10 -10.58
N ALA A 284 -1.60 2.87 -10.82
CA ALA A 284 -1.43 4.14 -11.49
C ALA A 284 -0.96 5.24 -10.55
N LEU A 285 -1.22 5.08 -9.27
CA LEU A 285 -0.96 6.11 -8.27
C LEU A 285 -0.75 5.44 -6.93
N VAL A 286 0.17 5.99 -6.13
CA VAL A 286 0.59 5.38 -4.88
C VAL A 286 0.53 6.44 -3.78
N ILE A 287 -0.13 6.12 -2.66
CA ILE A 287 -0.23 6.99 -1.49
C ILE A 287 0.28 6.26 -0.24
N SER A 288 1.23 6.90 0.45
CA SER A 288 1.77 6.46 1.72
C SER A 288 1.28 7.43 2.79
N ASN A 289 0.34 7.00 3.61
CA ASN A 289 -0.17 7.81 4.71
C ASN A 289 0.58 7.40 5.97
N GLU A 290 1.57 8.20 6.32
CA GLU A 290 2.29 8.05 7.57
C GLU A 290 2.82 6.63 7.76
N SER A 291 3.54 6.15 6.75
CA SER A 291 4.00 4.78 6.79
C SER A 291 5.24 4.60 7.64
N GLY A 292 6.04 5.65 7.82
CA GLY A 292 7.12 5.58 8.81
C GLY A 292 8.22 4.59 8.46
N CYS A 293 8.75 3.96 9.52
CA CYS A 293 9.97 3.16 9.39
C CYS A 293 9.74 1.93 8.50
N GLY A 294 10.60 1.76 7.52
CA GLY A 294 10.43 0.69 6.56
C GLY A 294 9.37 0.99 5.55
N GLY A 295 8.86 2.22 5.58
CA GLY A 295 7.98 2.72 4.56
C GLY A 295 8.64 3.89 3.90
N ALA A 296 8.19 5.10 4.20
CA ALA A 296 8.77 6.27 3.56
C ALA A 296 9.95 6.86 4.32
N ALA A 297 10.04 6.59 5.62
CA ALA A 297 11.02 7.24 6.46
C ALA A 297 12.40 6.63 6.18
N LEU A 298 13.41 7.50 6.10
CA LEU A 298 14.78 7.04 5.93
C LEU A 298 15.22 6.28 7.17
N SER A 299 15.72 5.06 6.94
CA SER A 299 16.29 4.28 8.04
C SER A 299 17.62 4.84 8.52
N LYS A 300 18.41 5.44 7.63
CA LYS A 300 19.75 5.85 8.03
C LYS A 300 19.72 7.11 8.86
N ARG A 301 18.65 7.87 8.76
CA ARG A 301 18.34 8.89 9.75
C ARG A 301 17.80 8.15 10.96
N ILE A 302 18.48 8.30 12.09
CA ILE A 302 18.15 7.55 13.29
C ILE A 302 17.18 8.43 14.05
N HIS A 303 15.89 8.16 13.88
CA HIS A 303 14.88 9.02 14.47
C HIS A 303 13.57 8.26 14.65
N GLY A 304 12.98 8.40 15.83
CA GLY A 304 11.72 7.72 16.12
C GLY A 304 11.94 6.22 16.08
N GLU A 305 11.05 5.51 15.40
CA GLU A 305 11.22 4.07 15.27
C GLU A 305 12.49 3.77 14.49
N THR A 306 13.26 2.79 14.96
CA THR A 306 14.45 2.33 14.26
C THR A 306 14.27 0.90 13.75
N VAL A 307 15.21 0.51 12.88
CA VAL A 307 15.23 -0.86 12.35
C VAL A 307 15.22 -1.88 13.48
N ALA A 308 16.11 -1.73 14.45
CA ALA A 308 16.11 -2.64 15.59
C ALA A 308 14.77 -2.67 16.28
N ARG A 309 14.12 -1.51 16.46
CA ARG A 309 12.87 -1.48 17.19
C ARG A 309 11.73 -2.13 16.42
N ILE A 310 11.65 -1.90 15.11
CA ILE A 310 10.55 -2.45 14.32
C ILE A 310 10.72 -3.97 14.18
N ASN A 311 11.95 -4.43 13.98
CA ASN A 311 12.15 -5.87 13.81
C ASN A 311 11.97 -6.61 15.14
N THR A 312 12.32 -5.95 16.24
CA THR A 312 12.16 -6.58 17.56
C THR A 312 10.69 -6.69 17.94
N VAL A 313 9.90 -5.64 17.69
CA VAL A 313 8.48 -5.68 18.03
C VAL A 313 7.67 -6.46 17.00
N PHE A 314 8.03 -6.37 15.71
CA PHE A 314 7.28 -6.98 14.62
C PHE A 314 8.21 -7.89 13.81
N PRO A 315 8.69 -8.97 14.42
CA PRO A 315 9.67 -9.83 13.74
C PRO A 315 9.14 -10.51 12.49
N HIS A 316 7.83 -10.52 12.27
CA HIS A 316 7.27 -11.12 11.08
C HIS A 316 7.04 -10.13 9.95
N TRP A 317 7.29 -8.82 10.15
CA TRP A 317 6.91 -7.88 9.10
C TRP A 317 7.91 -7.87 7.94
N PHE A 318 9.21 -7.98 8.24
CA PHE A 318 10.24 -7.88 7.22
C PHE A 318 10.92 -9.24 7.04
N ALA A 319 11.88 -9.29 6.13
CA ALA A 319 12.71 -10.48 6.01
C ALA A 319 13.59 -10.61 7.25
N ARG A 320 13.91 -11.86 7.60
CA ARG A 320 14.91 -12.07 8.65
C ARG A 320 16.19 -11.32 8.32
N ASN A 321 16.53 -11.24 7.02
CA ASN A 321 17.71 -10.53 6.55
C ASN A 321 17.72 -9.07 6.99
N PHE A 322 16.54 -8.47 7.20
CA PHE A 322 16.50 -7.08 7.62
C PHE A 322 17.09 -6.90 9.02
N ARG A 323 17.11 -7.97 9.82
CA ARG A 323 17.66 -7.88 11.17
C ARG A 323 19.16 -7.72 11.17
N ARG A 324 19.83 -8.00 10.05
CA ARG A 324 21.24 -7.72 9.94
C ARG A 324 21.53 -6.25 10.24
N TYR A 325 20.59 -5.37 9.93
CA TYR A 325 20.78 -3.92 10.10
C TYR A 325 20.25 -3.38 11.41
N ASP A 326 19.82 -4.25 12.33
CA ASP A 326 19.45 -3.78 13.68
C ASP A 326 20.66 -3.06 14.30
N ASP A 327 20.47 -1.78 14.63
CA ASP A 327 21.52 -0.93 15.18
C ASP A 327 22.74 -0.91 14.28
N HIS A 328 22.51 -1.07 12.98
CA HIS A 328 23.58 -1.08 11.98
C HIS A 328 23.07 -0.51 10.66
N GLU A 329 22.22 0.53 10.74
CA GLU A 329 21.62 1.13 9.55
C GLU A 329 22.68 1.64 8.56
N GLU A 330 23.88 1.95 9.04
CA GLU A 330 24.91 2.47 8.14
C GLU A 330 25.32 1.44 7.09
N ALA A 331 25.06 0.16 7.34
CA ALA A 331 25.41 -0.91 6.42
C ALA A 331 24.31 -1.20 5.43
N LEU A 332 23.14 -0.58 5.58
CA LEU A 332 22.05 -0.80 4.64
C LEU A 332 22.53 -0.42 3.25
N PRO A 333 22.31 -1.26 2.24
CA PRO A 333 22.77 -0.92 0.88
C PRO A 333 21.79 -0.02 0.13
N VAL A 334 20.60 0.18 0.69
CA VAL A 334 19.59 1.07 0.13
C VAL A 334 19.03 1.89 1.29
N ASP A 335 18.24 2.89 0.95
CA ASP A 335 17.35 3.46 1.95
C ASP A 335 15.99 3.68 1.29
N GLN A 336 15.02 4.14 2.11
CA GLN A 336 13.63 4.15 1.64
C GLN A 336 13.36 5.17 0.55
N HIS A 337 14.24 6.15 0.36
CA HIS A 337 14.09 7.03 -0.78
C HIS A 337 14.14 6.27 -2.10
N GLU A 338 14.93 5.20 -2.15
CA GLU A 338 14.98 4.37 -3.34
C GLU A 338 13.72 3.55 -3.52
N LEU A 339 13.01 3.24 -2.42
CA LEU A 339 11.70 2.61 -2.57
C LEU A 339 10.72 3.58 -3.23
N LEU A 340 10.67 4.82 -2.73
CA LEU A 340 9.81 5.86 -3.34
C LEU A 340 10.16 6.04 -4.81
N ALA A 341 11.46 6.05 -5.13
CA ALA A 341 11.89 6.25 -6.51
C ALA A 341 11.40 5.13 -7.42
N LEU A 342 11.25 3.92 -6.90
CA LEU A 342 10.70 2.81 -7.70
C LEU A 342 9.26 3.05 -8.14
N VAL A 343 8.58 4.02 -7.57
CA VAL A 343 7.24 4.36 -8.08
C VAL A 343 7.31 5.21 -9.35
N ALA A 344 8.40 5.95 -9.53
CA ALA A 344 8.50 6.88 -10.63
C ALA A 344 8.38 6.16 -11.97
N PRO A 345 7.80 6.81 -12.98
CA PRO A 345 7.25 8.17 -13.04
C PRO A 345 5.81 8.31 -12.57
N ARG A 346 5.25 7.24 -12.03
CA ARG A 346 3.85 7.30 -11.60
C ARG A 346 3.72 8.23 -10.39
N PRO A 347 2.58 8.88 -10.24
CA PRO A 347 2.44 9.83 -9.12
C PRO A 347 2.49 9.13 -7.78
N LEU A 348 3.17 9.78 -6.84
CA LEU A 348 3.35 9.24 -5.51
C LEU A 348 3.11 10.36 -4.52
N TYR A 349 2.30 10.06 -3.50
CA TYR A 349 2.03 10.98 -2.40
C TYR A 349 2.54 10.36 -1.12
N VAL A 350 3.40 11.10 -0.39
CA VAL A 350 3.87 10.73 0.94
C VAL A 350 3.39 11.80 1.88
N ALA A 351 2.77 11.40 2.99
CA ALA A 351 2.25 12.38 3.96
C ALA A 351 2.52 11.97 5.39
N SER A 352 2.60 12.97 6.26
CA SER A 352 2.96 12.82 7.66
C SER A 352 1.94 13.53 8.56
N ALA A 353 2.05 13.23 9.85
CA ALA A 353 1.31 13.90 10.91
C ALA A 353 2.31 14.62 11.82
N GLU A 354 1.93 15.85 12.18
CA GLU A 354 2.85 16.75 12.87
C GLU A 354 3.35 16.15 14.18
N ASP A 355 2.48 15.46 14.92
CA ASP A 355 2.87 14.98 16.22
C ASP A 355 3.44 13.56 16.16
N ASP A 356 3.59 13.02 14.96
CA ASP A 356 3.89 11.59 14.74
C ASP A 356 5.40 11.33 14.68
N ASP A 357 6.08 11.64 15.79
CA ASP A 357 7.53 11.53 15.83
C ASP A 357 8.02 10.13 15.48
N TRP A 358 7.25 9.11 15.90
CA TRP A 358 7.67 7.73 15.71
C TRP A 358 7.88 7.45 14.23
N ALA A 359 7.05 8.01 13.35
CA ALA A 359 7.16 7.80 11.92
C ALA A 359 8.30 8.60 11.31
N ASP A 360 8.82 9.59 12.09
CA ASP A 360 9.81 10.54 11.62
C ASP A 360 9.32 11.33 10.42
N PRO A 361 8.38 12.26 10.61
CA PRO A 361 7.91 13.07 9.48
C PRO A 361 9.04 13.69 8.68
N ARG A 362 10.07 14.23 9.36
CA ARG A 362 11.16 14.82 8.58
C ARG A 362 11.88 13.76 7.77
N GLY A 363 12.06 12.57 8.35
CA GLY A 363 12.65 11.47 7.59
C GLY A 363 11.81 11.05 6.39
N GLU A 364 10.49 11.12 6.52
CA GLU A 364 9.63 10.84 5.38
C GLU A 364 9.79 11.92 4.32
N PHE A 365 9.80 13.20 4.77
CA PHE A 365 10.00 14.29 3.82
C PHE A 365 11.34 14.23 3.12
N LEU A 366 12.41 13.93 3.88
CA LEU A 366 13.74 13.86 3.29
C LEU A 366 13.88 12.67 2.33
N ALA A 367 13.14 11.59 2.56
CA ALA A 367 13.10 10.51 1.58
C ALA A 367 12.46 10.99 0.28
N VAL A 368 11.43 11.81 0.38
CA VAL A 368 10.84 12.37 -0.84
C VAL A 368 11.86 13.22 -1.57
N LYS A 369 12.57 14.08 -0.84
CA LYS A 369 13.58 14.92 -1.48
C LYS A 369 14.71 14.08 -2.10
N ALA A 370 15.11 13.00 -1.43
CA ALA A 370 16.17 12.17 -2.01
C ALA A 370 15.71 11.30 -3.18
N ALA A 371 14.40 11.07 -3.33
CA ALA A 371 13.88 10.37 -4.49
C ALA A 371 13.54 11.32 -5.62
N GLU A 372 13.41 12.60 -5.32
CA GLU A 372 13.02 13.56 -6.33
C GLU A 372 13.87 13.50 -7.58
N PRO A 373 15.20 13.31 -7.51
CA PRO A 373 15.97 13.31 -8.76
C PRO A 373 15.54 12.24 -9.76
N VAL A 374 14.98 11.12 -9.28
CA VAL A 374 14.48 10.10 -10.21
C VAL A 374 13.20 10.58 -10.86
N PHE A 375 12.30 11.18 -10.06
CA PHE A 375 11.10 11.75 -10.61
C PHE A 375 11.44 12.85 -11.61
N ARG A 376 12.48 13.64 -11.32
CA ARG A 376 12.87 14.69 -12.25
C ARG A 376 13.42 14.10 -13.54
N LEU A 377 14.07 12.94 -13.46
CA LEU A 377 14.50 12.25 -14.67
C LEU A 377 13.35 12.07 -15.64
N PHE A 378 12.16 11.79 -15.13
CA PHE A 378 10.97 11.59 -15.95
C PHE A 378 10.13 12.86 -16.07
N GLY A 379 10.71 14.01 -15.80
CA GLY A 379 10.01 15.26 -16.02
C GLY A 379 9.02 15.66 -14.96
N GLN A 380 8.96 14.98 -13.83
CA GLN A 380 8.04 15.36 -12.77
C GLN A 380 8.76 16.19 -11.74
N THR A 381 7.97 16.86 -10.88
CA THR A 381 8.49 17.78 -9.88
CA THR A 381 8.50 17.77 -9.88
C THR A 381 8.06 17.37 -8.48
N GLY A 382 8.96 17.56 -7.52
CA GLY A 382 8.71 17.23 -6.14
C GLY A 382 8.53 18.49 -5.32
N PRO A 383 8.50 18.34 -4.00
CA PRO A 383 8.26 19.50 -3.14
C PRO A 383 9.22 20.64 -3.41
N SER A 384 8.72 21.86 -3.26
CA SER A 384 9.55 23.05 -3.32
C SER A 384 10.31 23.16 -2.02
N GLY A 385 11.60 23.44 -2.11
CA GLY A 385 12.37 23.71 -0.91
C GLY A 385 13.06 22.48 -0.36
N GLU A 386 13.84 22.70 0.71
N GLU A 386 13.79 22.75 0.72
CA GLU A 386 14.63 21.64 1.30
CA GLU A 386 14.71 21.82 1.37
C GLU A 386 14.17 21.24 2.70
C GLU A 386 14.18 21.26 2.67
N ASP A 387 13.14 21.88 3.24
CA ASP A 387 12.66 21.50 4.55
C ASP A 387 11.14 21.38 4.59
N VAL A 388 10.68 20.77 5.69
CA VAL A 388 9.30 20.28 5.77
C VAL A 388 8.35 21.44 5.61
N PRO A 389 7.31 21.32 4.79
CA PRO A 389 6.40 22.45 4.60
C PRO A 389 5.61 22.72 5.87
N ARG A 390 4.95 23.87 5.89
CA ARG A 390 4.03 24.17 6.97
C ARG A 390 2.84 23.22 6.90
N VAL A 391 2.16 23.08 8.05
CA VAL A 391 1.05 22.15 8.11
C VAL A 391 -0.02 22.55 7.11
N ASN A 392 -0.66 21.54 6.52
CA ASN A 392 -1.80 21.71 5.62
C ASN A 392 -1.48 22.53 4.36
N GLU A 393 -0.22 22.56 3.97
CA GLU A 393 0.26 23.20 2.75
C GLU A 393 1.01 22.15 1.93
N PRO A 394 0.30 21.31 1.18
CA PRO A 394 0.98 20.29 0.39
C PRO A 394 1.91 20.94 -0.62
N SER A 395 2.96 20.21 -0.97
CA SER A 395 3.96 20.76 -1.89
C SER A 395 4.44 19.66 -2.83
N GLY A 396 4.48 19.96 -4.13
CA GLY A 396 4.98 19.04 -5.13
C GLY A 396 4.03 18.80 -6.28
N GLY A 397 4.57 18.40 -7.43
CA GLY A 397 3.76 18.03 -8.56
C GLY A 397 3.22 16.62 -8.44
N ALA A 398 3.69 15.74 -9.32
CA ALA A 398 3.31 14.33 -9.28
C ALA A 398 3.97 13.60 -8.13
N LEU A 399 5.01 14.18 -7.52
CA LEU A 399 5.61 13.67 -6.30
C LEU A 399 5.26 14.70 -5.24
N ARG A 400 4.33 14.35 -4.34
CA ARG A 400 3.75 15.32 -3.44
C ARG A 400 3.91 14.92 -1.99
N TYR A 401 3.96 15.93 -1.11
CA TYR A 401 4.08 15.72 0.31
C TYR A 401 3.21 16.72 1.03
N HIS A 402 2.59 16.30 2.12
CA HIS A 402 2.04 17.21 3.09
C HIS A 402 2.26 16.68 4.50
N ILE A 403 2.25 17.61 5.44
CA ILE A 403 2.23 17.27 6.85
C ILE A 403 0.99 17.97 7.41
N ARG A 404 0.20 17.25 8.18
CA ARG A 404 -1.02 17.81 8.76
C ARG A 404 -0.86 17.94 10.27
N PRO A 405 -1.64 18.79 10.92
CA PRO A 405 -1.60 18.84 12.39
C PRO A 405 -2.17 17.56 13.00
N GLY A 406 -1.75 17.31 14.24
CA GLY A 406 -2.32 16.25 15.04
C GLY A 406 -1.51 14.96 15.01
N PRO A 407 -2.07 13.91 15.61
CA PRO A 407 -1.33 12.67 15.84
C PRO A 407 -1.52 11.69 14.70
N HIS A 408 -0.74 10.63 14.77
CA HIS A 408 -0.80 9.55 13.79
C HIS A 408 -2.23 9.10 13.55
N GLY A 409 -2.58 8.97 12.27
CA GLY A 409 -3.93 8.61 11.89
C GLY A 409 -4.10 8.88 10.42
N MET A 410 -5.33 8.71 9.93
CA MET A 410 -5.68 9.01 8.55
C MET A 410 -7.01 9.75 8.58
N THR A 411 -6.98 11.02 8.23
CA THR A 411 -8.11 11.88 8.53
C THR A 411 -8.75 12.41 7.26
N ALA A 412 -9.89 13.08 7.46
CA ALA A 412 -10.59 13.68 6.33
C ALA A 412 -9.71 14.72 5.64
N GLN A 413 -8.84 15.40 6.40
CA GLN A 413 -7.90 16.33 5.77
C GLN A 413 -6.93 15.61 4.87
N ASP A 414 -6.34 14.52 5.36
CA ASP A 414 -5.50 13.70 4.49
C ASP A 414 -6.25 13.33 3.21
N TRP A 415 -7.45 12.78 3.35
CA TRP A 415 -8.25 12.37 2.20
C TRP A 415 -8.58 13.52 1.27
N ALA A 416 -8.88 14.70 1.82
CA ALA A 416 -9.15 15.82 0.93
C ALA A 416 -7.96 16.09 0.03
N PHE A 417 -6.75 16.02 0.60
CA PHE A 417 -5.58 16.28 -0.25
C PHE A 417 -5.35 15.14 -1.24
N TYR A 418 -5.63 13.90 -0.84
CA TYR A 418 -5.44 12.77 -1.76
C TYR A 418 -6.44 12.84 -2.92
N LEU A 419 -7.66 13.29 -2.67
CA LEU A 419 -8.65 13.36 -3.75
C LEU A 419 -8.30 14.45 -4.77
N ALA A 420 -7.81 15.59 -4.28
CA ALA A 420 -7.32 16.62 -5.20
C ALA A 420 -6.17 16.09 -6.04
N PHE A 421 -5.28 15.30 -5.42
CA PHE A 421 -4.12 14.76 -6.14
C PHE A 421 -4.56 13.76 -7.20
N ALA A 422 -5.50 12.88 -6.86
CA ALA A 422 -6.01 11.94 -7.85
C ALA A 422 -6.69 12.68 -8.99
N ASP A 423 -7.49 13.71 -8.69
CA ASP A 423 -8.13 14.45 -9.76
C ASP A 423 -7.10 14.98 -10.74
N GLU A 424 -5.93 15.38 -10.24
CA GLU A 424 -4.94 16.03 -11.08
C GLU A 424 -4.09 15.01 -11.81
N TRP A 425 -3.59 14.01 -11.09
CA TRP A 425 -2.53 13.16 -11.60
C TRP A 425 -2.95 11.74 -11.92
N LEU A 426 -4.16 11.31 -11.55
CA LEU A 426 -4.52 9.94 -11.87
C LEU A 426 -4.79 9.85 -13.37
N LYS A 427 -4.06 8.96 -14.04
CA LYS A 427 -4.04 8.92 -15.50
C LYS A 427 -5.45 9.04 -16.04
N SER A 428 -5.58 9.60 -17.25
CA SER A 428 -6.86 9.90 -17.85
C SER A 428 -7.50 8.65 -18.44
N ALA A 429 -8.81 8.75 -18.66
CA ALA A 429 -9.54 7.74 -19.43
C ALA A 429 -9.42 7.95 -20.94
N LEU A 430 -8.70 8.96 -21.39
CA LEU A 430 -8.49 9.25 -22.80
C LEU A 430 -7.07 8.92 -23.21
N PRO A 431 -6.79 8.90 -24.53
CA PRO A 431 -5.42 8.73 -25.05
C PRO A 431 -4.54 9.94 -24.76
#